data_9AUY
#
_entry.id   9AUY
#
_cell.length_a   104.279
_cell.length_b   104.279
_cell.length_c   63.903
_cell.angle_alpha   90.00
_cell.angle_beta   90.00
_cell.angle_gamma   90.00
#
_symmetry.space_group_name_H-M   'I 4'
#
loop_
_entity.id
_entity.type
_entity.pdbx_description
1 polymer "Inosine-5'-monophosphate dehydrogenase"
2 non-polymer 'INOSINIC ACID'
3 non-polymer N-(6-chloropyridin-3-yl)-N~2~-(1,4-dihydro-2H-pyrano[3,4-c]quinolin-9-yl)-L-alaninamide
4 water water
#
_entity_poly.entity_id   1
_entity_poly.type   'polypeptide(L)'
_entity_poly.pdbx_seq_one_letter_code
;MHHHHHHGENLYFQGSWESKFAKESLTFDDVLLIPAQSDILPKDVDLSVQLSDKVKLNIPVISAGMDTVTESKMAIAMAR
QGGLGVIHKNMGVEEQADEVQKVKRSGGLLVAAAIGISKDTDIRAQKLVEAGVDVLVIDTAHGHSKGVIDQVKHIKKTYP
EITLVAGNVATAEATKDLFEAGADIVKVGIGPGSICTTRVVAGVGVPQITAIYDCATEARKHGKAIIADGGIKFSGDIIK
ALAAGGHAVMLGSLLAGTEESPGATEIFQGRQYKVYRGMGSLGAMEKGSNDRYFQEDKAPKKFVPEGIEGRTAYKGALQD
TIYQLMGGVRAGMGYTGSHDLRELREEAQFTRMGPAGLAESHPHNIQITKESPNYSFGNS
;
_entity_poly.pdbx_strand_id   A
#
# COMPACT_ATOMS: atom_id res chain seq x y z
N GLY A 15 4.65 -9.68 -33.56
CA GLY A 15 4.82 -10.98 -32.93
C GLY A 15 5.40 -10.90 -31.52
N SER A 16 5.04 -11.89 -30.66
N SER A 16 5.05 -11.87 -30.66
CA SER A 16 5.50 -12.00 -29.27
CA SER A 16 5.49 -11.95 -29.27
C SER A 16 7.02 -12.07 -29.16
C SER A 16 7.03 -12.06 -29.16
N TRP A 17 7.66 -12.75 -30.12
CA TRP A 17 9.11 -12.93 -30.19
C TRP A 17 9.80 -11.61 -30.41
N GLU A 18 9.33 -10.86 -31.42
CA GLU A 18 9.90 -9.58 -31.83
C GLU A 18 9.77 -8.49 -30.77
N SER A 19 8.72 -8.55 -29.94
CA SER A 19 8.42 -7.53 -28.91
C SER A 19 9.01 -7.82 -27.53
N LYS A 20 9.71 -8.95 -27.38
CA LYS A 20 10.32 -9.42 -26.13
C LYS A 20 10.95 -8.35 -25.27
N PHE A 21 11.76 -7.47 -25.87
CA PHE A 21 12.52 -6.43 -25.17
C PHE A 21 12.07 -4.99 -25.52
N ALA A 22 10.84 -4.86 -26.06
CA ALA A 22 10.29 -3.55 -26.45
C ALA A 22 10.09 -2.59 -25.27
N LYS A 23 9.48 -3.05 -24.16
CA LYS A 23 9.11 -2.21 -23.03
C LYS A 23 10.30 -1.66 -22.22
N GLU A 24 10.18 -0.38 -21.81
CA GLU A 24 11.14 0.39 -20.99
C GLU A 24 10.37 0.85 -19.78
N SER A 25 10.93 0.64 -18.59
CA SER A 25 10.28 0.99 -17.33
C SER A 25 11.15 1.85 -16.41
N LEU A 26 10.50 2.69 -15.61
CA LEU A 26 11.14 3.63 -14.69
C LEU A 26 10.85 3.32 -13.24
N THR A 27 11.81 3.64 -12.35
CA THR A 27 11.67 3.54 -10.90
C THR A 27 11.70 4.94 -10.26
N PHE A 28 11.50 5.07 -8.92
CA PHE A 28 11.54 6.37 -8.22
C PHE A 28 12.81 7.20 -8.50
N ASP A 29 13.99 6.55 -8.43
CA ASP A 29 15.29 7.19 -8.60
C ASP A 29 15.58 7.69 -10.01
N ASP A 30 14.75 7.29 -10.99
CA ASP A 30 14.88 7.69 -12.40
C ASP A 30 14.19 9.04 -12.69
N VAL A 31 13.33 9.51 -11.77
CA VAL A 31 12.49 10.68 -12.01
C VAL A 31 12.45 11.70 -10.89
N LEU A 32 12.12 12.95 -11.23
CA LEU A 32 11.92 14.05 -10.28
C LEU A 32 10.73 14.88 -10.79
N LEU A 33 9.97 15.50 -9.87
CA LEU A 33 8.86 16.41 -10.21
C LEU A 33 9.38 17.75 -10.63
N ILE A 34 8.81 18.29 -11.69
CA ILE A 34 9.25 19.57 -12.22
C ILE A 34 8.53 20.68 -11.41
N PRO A 35 9.20 21.71 -10.87
CA PRO A 35 8.45 22.76 -10.15
C PRO A 35 7.56 23.57 -11.12
N ALA A 36 6.37 23.99 -10.67
CA ALA A 36 5.44 24.76 -11.51
C ALA A 36 4.83 26.01 -10.77
N GLN A 37 4.09 26.85 -11.53
CA GLN A 37 3.40 28.04 -11.00
C GLN A 37 2.59 27.60 -9.79
N SER A 38 2.81 28.26 -8.63
CA SER A 38 2.11 27.95 -7.38
C SER A 38 1.58 29.19 -6.64
N ASP A 39 0.30 29.18 -6.31
CA ASP A 39 -0.35 30.23 -5.49
C ASP A 39 -0.63 29.63 -4.09
N ILE A 40 -0.29 28.34 -3.87
CA ILE A 40 -0.56 27.65 -2.60
C ILE A 40 0.72 27.35 -1.79
N LEU A 41 0.63 27.53 -0.47
CA LEU A 41 1.72 27.25 0.46
C LEU A 41 1.61 25.79 0.94
N PRO A 42 2.76 25.13 1.27
CA PRO A 42 2.72 23.75 1.77
C PRO A 42 1.75 23.49 2.93
N LYS A 43 1.66 24.42 3.91
CA LYS A 43 0.73 24.31 5.04
C LYS A 43 -0.75 24.25 4.59
N ASP A 44 -1.08 24.96 3.50
CA ASP A 44 -2.42 25.11 2.93
C ASP A 44 -2.89 24.02 1.95
N VAL A 45 -1.99 23.11 1.48
CA VAL A 45 -2.43 22.09 0.52
C VAL A 45 -3.37 21.06 1.18
N ASP A 46 -4.27 20.46 0.39
CA ASP A 46 -5.21 19.46 0.84
C ASP A 46 -4.63 18.07 0.56
N LEU A 47 -4.41 17.29 1.64
CA LEU A 47 -3.86 15.93 1.59
C LEU A 47 -4.92 14.82 1.60
N SER A 48 -6.22 15.18 1.58
CA SER A 48 -7.28 14.19 1.62
C SER A 48 -7.47 13.46 0.30
N VAL A 49 -7.94 12.21 0.36
CA VAL A 49 -8.24 11.40 -0.81
C VAL A 49 -9.42 10.45 -0.54
N GLN A 50 -10.34 10.38 -1.52
CA GLN A 50 -11.53 9.52 -1.55
C GLN A 50 -11.13 8.22 -2.27
N LEU A 51 -10.97 7.12 -1.50
CA LEU A 51 -10.59 5.82 -2.07
C LEU A 51 -11.77 5.04 -2.63
N SER A 52 -12.98 5.34 -2.12
CA SER A 52 -14.26 4.76 -2.52
C SER A 52 -15.36 5.67 -1.97
N ASP A 53 -16.64 5.36 -2.27
N ASP A 53 -16.64 5.34 -2.27
CA ASP A 53 -17.79 6.13 -1.81
CA ASP A 53 -17.83 6.06 -1.83
C ASP A 53 -17.91 6.19 -0.28
C ASP A 53 -17.91 6.17 -0.29
N LYS A 54 -17.46 5.12 0.42
CA LYS A 54 -17.47 5.03 1.88
C LYS A 54 -16.14 5.41 2.56
N VAL A 55 -14.98 5.24 1.86
CA VAL A 55 -13.65 5.49 2.44
C VAL A 55 -13.04 6.85 2.03
N LYS A 56 -12.86 7.76 3.00
N LYS A 56 -12.86 7.74 3.02
CA LYS A 56 -12.24 9.06 2.78
CA LYS A 56 -12.27 9.06 2.88
C LYS A 56 -11.12 9.23 3.80
C LYS A 56 -11.09 9.15 3.84
N LEU A 57 -9.87 9.38 3.31
CA LEU A 57 -8.68 9.52 4.16
C LEU A 57 -8.22 10.97 4.16
N ASN A 58 -7.77 11.44 5.33
CA ASN A 58 -7.26 12.80 5.50
C ASN A 58 -5.81 12.93 5.00
N ILE A 59 -5.05 11.81 5.00
CA ILE A 59 -3.66 11.70 4.50
C ILE A 59 -3.58 10.45 3.57
N PRO A 60 -2.84 10.49 2.43
CA PRO A 60 -2.83 9.34 1.49
C PRO A 60 -1.83 8.23 1.83
N VAL A 61 -1.87 7.75 3.09
CA VAL A 61 -0.95 6.74 3.59
C VAL A 61 -1.69 5.58 4.22
N ILE A 62 -1.25 4.39 3.86
CA ILE A 62 -1.80 3.15 4.37
C ILE A 62 -0.62 2.32 4.87
N SER A 63 -0.66 1.83 6.12
CA SER A 63 0.37 0.96 6.68
C SER A 63 0.18 -0.45 6.12
N ALA A 64 1.27 -1.16 5.80
CA ALA A 64 1.24 -2.48 5.16
C ALA A 64 0.67 -3.60 5.99
N GLY A 65 -0.04 -4.52 5.31
CA GLY A 65 -0.62 -5.71 5.91
C GLY A 65 0.43 -6.78 6.16
N MET A 66 1.41 -6.44 7.03
CA MET A 66 2.57 -7.27 7.38
C MET A 66 2.68 -7.48 8.91
N ASP A 67 3.30 -8.61 9.32
CA ASP A 67 3.43 -9.01 10.72
C ASP A 67 4.50 -8.23 11.50
N THR A 68 5.39 -7.50 10.81
CA THR A 68 6.38 -6.65 11.49
C THR A 68 5.96 -5.18 11.30
N VAL A 69 4.70 -4.94 10.85
CA VAL A 69 4.19 -3.58 10.57
C VAL A 69 2.81 -3.30 11.18
N THR A 70 1.75 -4.08 10.84
CA THR A 70 0.42 -3.66 11.28
C THR A 70 -0.42 -4.69 12.03
N GLU A 71 -0.86 -4.25 13.22
CA GLU A 71 -1.84 -4.85 14.13
C GLU A 71 -2.69 -3.68 14.67
N SER A 72 -3.51 -3.89 15.73
CA SER A 72 -4.41 -2.83 16.22
C SER A 72 -3.70 -1.54 16.61
N LYS A 73 -2.53 -1.64 17.28
N LYS A 73 -2.53 -1.63 17.27
CA LYS A 73 -1.72 -0.50 17.73
CA LYS A 73 -1.73 -0.49 17.74
C LYS A 73 -1.31 0.42 16.57
C LYS A 73 -1.31 0.43 16.57
N MET A 74 -0.90 -0.16 15.43
CA MET A 74 -0.51 0.57 14.21
C MET A 74 -1.76 1.14 13.55
N ALA A 75 -2.82 0.30 13.38
CA ALA A 75 -4.08 0.70 12.74
C ALA A 75 -4.77 1.86 13.43
N ILE A 76 -4.71 1.94 14.78
CA ILE A 76 -5.34 3.02 15.54
C ILE A 76 -4.56 4.30 15.32
N ALA A 77 -3.22 4.23 15.53
CA ALA A 77 -2.28 5.32 15.37
C ALA A 77 -2.37 5.90 13.96
N MET A 78 -2.41 5.02 12.91
CA MET A 78 -2.53 5.41 11.48
C MET A 78 -3.80 6.21 11.24
N ALA A 79 -4.95 5.62 11.67
CA ALA A 79 -6.29 6.20 11.57
C ALA A 79 -6.42 7.53 12.29
N ARG A 80 -5.70 7.70 13.44
CA ARG A 80 -5.67 8.98 14.20
C ARG A 80 -4.88 10.09 13.49
N GLN A 81 -4.00 9.71 12.54
CA GLN A 81 -3.22 10.65 11.72
C GLN A 81 -3.99 11.02 10.45
N GLY A 82 -5.12 10.37 10.24
CA GLY A 82 -5.98 10.57 9.07
C GLY A 82 -5.73 9.54 7.99
N GLY A 83 -4.98 8.49 8.35
CA GLY A 83 -4.62 7.42 7.43
C GLY A 83 -5.41 6.16 7.60
N LEU A 84 -4.77 5.01 7.37
CA LEU A 84 -5.41 3.69 7.45
C LEU A 84 -4.37 2.58 7.64
N GLY A 85 -4.76 1.55 8.36
CA GLY A 85 -3.93 0.38 8.63
C GLY A 85 -4.58 -0.90 8.16
N VAL A 86 -3.80 -1.78 7.51
CA VAL A 86 -4.29 -3.08 7.05
C VAL A 86 -3.83 -4.12 8.06
N ILE A 87 -4.78 -4.71 8.84
CA ILE A 87 -4.40 -5.75 9.80
C ILE A 87 -3.96 -6.96 9.00
N HIS A 88 -2.77 -7.48 9.29
CA HIS A 88 -2.21 -8.66 8.63
C HIS A 88 -3.01 -9.92 8.95
N LYS A 89 -2.99 -10.89 8.01
CA LYS A 89 -3.70 -12.17 8.12
C LYS A 89 -2.85 -13.34 8.66
N ASN A 90 -1.63 -13.07 9.16
N ASN A 90 -1.63 -13.07 9.16
CA ASN A 90 -0.74 -14.09 9.71
CA ASN A 90 -0.75 -14.11 9.73
C ASN A 90 -1.03 -14.34 11.23
C ASN A 90 -1.03 -14.33 11.23
N MET A 91 -2.32 -14.55 11.54
CA MET A 91 -2.86 -14.81 12.88
C MET A 91 -4.20 -15.57 12.70
N GLY A 92 -4.79 -16.01 13.82
CA GLY A 92 -6.06 -16.72 13.81
C GLY A 92 -7.22 -15.80 13.47
N VAL A 93 -8.30 -16.36 12.90
CA VAL A 93 -9.51 -15.64 12.48
C VAL A 93 -10.05 -14.74 13.60
N GLU A 94 -10.25 -15.32 14.81
CA GLU A 94 -10.75 -14.65 16.02
C GLU A 94 -9.81 -13.53 16.45
N GLU A 95 -8.50 -13.83 16.52
CA GLU A 95 -7.45 -12.86 16.87
C GLU A 95 -7.48 -11.64 15.94
N GLN A 96 -7.68 -11.88 14.61
CA GLN A 96 -7.76 -10.82 13.59
C GLN A 96 -8.99 -9.95 13.80
N ALA A 97 -10.16 -10.60 14.01
CA ALA A 97 -11.44 -9.93 14.30
C ALA A 97 -11.34 -9.10 15.59
N ASP A 98 -10.62 -9.62 16.60
N ASP A 98 -10.63 -9.61 16.61
CA ASP A 98 -10.38 -8.95 17.90
CA ASP A 98 -10.40 -8.93 17.89
C ASP A 98 -9.53 -7.68 17.70
C ASP A 98 -9.55 -7.67 17.68
N GLU A 99 -8.53 -7.74 16.79
CA GLU A 99 -7.65 -6.59 16.44
C GLU A 99 -8.48 -5.51 15.75
N VAL A 100 -9.39 -5.93 14.82
CA VAL A 100 -10.33 -5.06 14.10
C VAL A 100 -11.26 -4.39 15.13
N GLN A 101 -11.76 -5.16 16.13
CA GLN A 101 -12.65 -4.66 17.18
C GLN A 101 -12.01 -3.55 17.97
N LYS A 102 -10.75 -3.76 18.41
CA LYS A 102 -9.99 -2.77 19.19
C LYS A 102 -9.93 -1.42 18.48
N VAL A 103 -9.71 -1.43 17.14
CA VAL A 103 -9.67 -0.23 16.30
C VAL A 103 -11.03 0.43 16.26
N LYS A 104 -12.09 -0.32 15.94
CA LYS A 104 -13.46 0.23 15.88
C LYS A 104 -13.91 0.81 17.24
N ARG A 105 -13.59 0.12 18.35
N ARG A 105 -13.58 0.12 18.34
CA ARG A 105 -13.90 0.55 19.72
CA ARG A 105 -13.90 0.55 19.72
C ARG A 105 -13.04 1.74 20.17
C ARG A 105 -13.06 1.77 20.16
N SER A 106 -12.09 2.19 19.32
CA SER A 106 -11.20 3.34 19.61
C SER A 106 -11.66 4.65 18.95
N GLY A 107 -12.98 4.87 18.92
CA GLY A 107 -13.58 6.07 18.37
C GLY A 107 -14.15 5.94 16.97
N GLY A 108 -14.50 4.70 16.60
CA GLY A 108 -15.06 4.37 15.28
C GLY A 108 -14.10 4.61 14.14
N LEU A 109 -12.79 4.40 14.41
CA LEU A 109 -11.71 4.62 13.45
C LEU A 109 -11.80 3.69 12.26
N LEU A 110 -11.47 4.20 11.05
CA LEU A 110 -11.47 3.40 9.81
C LEU A 110 -10.46 2.28 9.97
N VAL A 111 -10.85 1.05 9.60
CA VAL A 111 -9.96 -0.10 9.71
C VAL A 111 -10.05 -0.99 8.47
N ALA A 112 -8.90 -1.52 8.05
CA ALA A 112 -8.76 -2.42 6.91
C ALA A 112 -8.19 -3.74 7.40
N ALA A 113 -8.53 -4.83 6.73
CA ALA A 113 -8.00 -6.13 7.13
C ALA A 113 -7.72 -6.98 5.92
N ALA A 114 -6.64 -7.77 5.99
CA ALA A 114 -6.20 -8.63 4.90
C ALA A 114 -6.88 -9.98 4.88
N ILE A 115 -7.21 -10.43 3.67
CA ILE A 115 -7.79 -11.74 3.35
C ILE A 115 -7.03 -12.35 2.17
N GLY A 116 -6.94 -13.68 2.14
CA GLY A 116 -6.25 -14.41 1.08
C GLY A 116 -7.21 -15.03 0.08
N ILE A 117 -6.80 -16.18 -0.51
CA ILE A 117 -7.59 -16.94 -1.48
C ILE A 117 -7.89 -18.36 -0.97
N SER A 118 -7.09 -18.82 0.03
CA SER A 118 -7.15 -20.13 0.68
C SER A 118 -8.52 -20.46 1.29
N LYS A 119 -8.71 -21.73 1.69
CA LYS A 119 -9.96 -22.26 2.25
C LYS A 119 -10.53 -21.43 3.42
N ASP A 120 -9.66 -20.97 4.35
CA ASP A 120 -10.03 -20.19 5.54
C ASP A 120 -10.63 -18.79 5.27
N THR A 121 -10.53 -18.28 4.02
CA THR A 121 -11.01 -16.95 3.61
C THR A 121 -12.51 -16.71 3.87
N ASP A 122 -13.36 -17.72 3.57
CA ASP A 122 -14.82 -17.67 3.72
C ASP A 122 -15.27 -17.30 5.14
N ILE A 123 -14.73 -17.99 6.17
CA ILE A 123 -15.06 -17.71 7.57
C ILE A 123 -14.34 -16.43 8.07
N ARG A 124 -13.10 -16.20 7.60
CA ARG A 124 -12.28 -15.03 7.95
C ARG A 124 -12.99 -13.72 7.56
N ALA A 125 -13.48 -13.61 6.31
CA ALA A 125 -14.19 -12.44 5.78
C ALA A 125 -15.47 -12.13 6.54
N GLN A 126 -16.22 -13.18 6.96
N GLN A 126 -16.22 -13.18 6.96
CA GLN A 126 -17.46 -13.05 7.73
CA GLN A 126 -17.46 -13.03 7.73
C GLN A 126 -17.17 -12.41 9.10
C GLN A 126 -17.17 -12.40 9.10
N LYS A 127 -16.22 -12.99 9.86
CA LYS A 127 -15.81 -12.50 11.19
C LYS A 127 -15.25 -11.06 11.17
N LEU A 128 -14.47 -10.72 10.11
CA LEU A 128 -13.91 -9.38 9.96
C LEU A 128 -15.02 -8.37 9.72
N VAL A 129 -15.99 -8.69 8.81
CA VAL A 129 -17.17 -7.86 8.52
C VAL A 129 -18.01 -7.71 9.80
N GLU A 130 -18.20 -8.83 10.55
CA GLU A 130 -18.93 -8.87 11.84
C GLU A 130 -18.30 -7.91 12.85
N ALA A 131 -16.95 -7.82 12.86
CA ALA A 131 -16.17 -6.96 13.74
C ALA A 131 -16.23 -5.46 13.36
N GLY A 132 -16.93 -5.16 12.27
CA GLY A 132 -17.13 -3.80 11.77
C GLY A 132 -16.05 -3.25 10.86
N VAL A 133 -15.36 -4.14 10.08
CA VAL A 133 -14.31 -3.75 9.12
C VAL A 133 -14.90 -2.84 8.02
N ASP A 134 -14.13 -1.84 7.58
CA ASP A 134 -14.57 -0.91 6.54
C ASP A 134 -14.13 -1.33 5.15
N VAL A 135 -12.89 -1.85 5.05
CA VAL A 135 -12.28 -2.27 3.80
C VAL A 135 -11.63 -3.65 3.93
N LEU A 136 -11.92 -4.55 2.96
CA LEU A 136 -11.32 -5.89 2.92
C LEU A 136 -10.24 -5.86 1.82
N VAL A 137 -9.08 -6.48 2.11
CA VAL A 137 -7.93 -6.45 1.20
C VAL A 137 -7.56 -7.86 0.76
N ILE A 138 -7.87 -8.25 -0.49
CA ILE A 138 -7.44 -9.55 -1.02
C ILE A 138 -5.96 -9.32 -1.33
N ASP A 139 -5.09 -9.79 -0.44
CA ASP A 139 -3.65 -9.56 -0.47
C ASP A 139 -2.91 -10.79 -0.95
N THR A 140 -2.37 -10.72 -2.18
CA THR A 140 -1.59 -11.81 -2.79
C THR A 140 -0.30 -11.31 -3.46
N ALA A 141 0.62 -12.25 -3.71
CA ALA A 141 1.85 -12.01 -4.41
C ALA A 141 1.55 -11.77 -5.91
N HIS A 142 0.56 -12.51 -6.49
CA HIS A 142 0.20 -12.48 -7.91
C HIS A 142 -1.31 -12.36 -8.13
N GLY A 143 -1.77 -11.10 -8.15
CA GLY A 143 -3.15 -10.69 -8.33
C GLY A 143 -3.76 -11.01 -9.68
N HIS A 144 -2.93 -11.10 -10.75
CA HIS A 144 -3.39 -11.43 -12.09
C HIS A 144 -3.50 -12.94 -12.25
N SER A 145 -4.40 -13.55 -11.46
N SER A 145 -4.39 -13.55 -11.46
CA SER A 145 -4.64 -14.99 -11.43
CA SER A 145 -4.62 -15.00 -11.47
C SER A 145 -6.13 -15.34 -11.32
C SER A 145 -6.11 -15.36 -11.29
N LYS A 146 -6.48 -16.58 -11.72
CA LYS A 146 -7.86 -17.10 -11.66
C LYS A 146 -8.36 -17.18 -10.21
N GLY A 147 -7.52 -17.72 -9.32
CA GLY A 147 -7.80 -17.84 -7.90
C GLY A 147 -8.18 -16.52 -7.23
N VAL A 148 -7.55 -15.42 -7.69
CA VAL A 148 -7.79 -14.08 -7.18
C VAL A 148 -9.05 -13.46 -7.81
N ILE A 149 -9.23 -13.61 -9.16
CA ILE A 149 -10.40 -13.09 -9.89
C ILE A 149 -11.71 -13.67 -9.27
N ASP A 150 -11.74 -15.00 -9.08
CA ASP A 150 -12.86 -15.73 -8.48
C ASP A 150 -13.18 -15.22 -7.06
N GLN A 151 -12.12 -14.99 -6.24
CA GLN A 151 -12.23 -14.48 -4.87
C GLN A 151 -12.81 -13.08 -4.86
N VAL A 152 -12.42 -12.22 -5.82
CA VAL A 152 -12.95 -10.86 -5.94
C VAL A 152 -14.47 -10.91 -6.19
N LYS A 153 -14.91 -11.74 -7.16
CA LYS A 153 -16.32 -11.95 -7.53
C LYS A 153 -17.10 -12.44 -6.31
N HIS A 154 -16.55 -13.45 -5.60
CA HIS A 154 -17.13 -14.04 -4.39
C HIS A 154 -17.31 -13.01 -3.27
N ILE A 155 -16.21 -12.37 -2.81
CA ILE A 155 -16.24 -11.37 -1.74
C ILE A 155 -17.16 -10.19 -2.07
N LYS A 156 -17.19 -9.71 -3.33
CA LYS A 156 -18.04 -8.59 -3.71
C LYS A 156 -19.54 -8.94 -3.76
N LYS A 157 -19.88 -10.20 -4.15
CA LYS A 157 -21.26 -10.65 -4.21
C LYS A 157 -21.81 -10.81 -2.78
N THR A 158 -21.05 -11.55 -1.93
CA THR A 158 -21.35 -11.81 -0.51
C THR A 158 -21.40 -10.52 0.34
N TYR A 159 -20.44 -9.60 0.17
CA TYR A 159 -20.37 -8.36 0.94
C TYR A 159 -20.32 -7.10 0.05
N PRO A 160 -21.43 -6.69 -0.63
CA PRO A 160 -21.38 -5.49 -1.48
C PRO A 160 -21.21 -4.15 -0.76
N GLU A 161 -21.51 -4.09 0.56
CA GLU A 161 -21.38 -2.86 1.35
C GLU A 161 -19.93 -2.60 1.83
N ILE A 162 -19.07 -3.64 1.83
CA ILE A 162 -17.67 -3.50 2.27
C ILE A 162 -16.73 -3.19 1.08
N THR A 163 -15.95 -2.09 1.19
CA THR A 163 -14.98 -1.64 0.18
C THR A 163 -13.91 -2.73 -0.03
N LEU A 164 -13.79 -3.24 -1.27
CA LEU A 164 -12.82 -4.30 -1.59
C LEU A 164 -11.57 -3.80 -2.34
N VAL A 165 -10.38 -4.08 -1.76
CA VAL A 165 -9.06 -3.81 -2.37
C VAL A 165 -8.59 -5.18 -2.83
N ALA A 166 -8.06 -5.26 -4.06
CA ALA A 166 -7.48 -6.48 -4.62
C ALA A 166 -6.12 -6.15 -5.28
N GLY A 167 -5.16 -7.05 -5.14
CA GLY A 167 -3.81 -6.93 -5.69
C GLY A 167 -2.99 -8.14 -5.29
N ASN A 168 -1.67 -8.16 -5.56
CA ASN A 168 -0.87 -7.12 -6.22
C ASN A 168 -0.70 -7.38 -7.71
N VAL A 169 -0.71 -6.29 -8.50
CA VAL A 169 -0.59 -6.33 -9.96
C VAL A 169 0.43 -5.25 -10.44
N ALA A 170 0.81 -5.29 -11.72
CA ALA A 170 1.78 -4.29 -12.26
C ALA A 170 1.51 -3.92 -13.74
N THR A 171 0.37 -4.34 -14.28
CA THR A 171 0.00 -4.05 -15.67
C THR A 171 -1.45 -3.52 -15.76
N ALA A 172 -1.78 -2.89 -16.89
CA ALA A 172 -3.11 -2.38 -17.23
C ALA A 172 -4.12 -3.56 -17.33
N GLU A 173 -3.74 -4.66 -18.02
CA GLU A 173 -4.59 -5.84 -18.22
C GLU A 173 -5.07 -6.44 -16.87
N ALA A 174 -4.14 -6.53 -15.90
CA ALA A 174 -4.38 -7.04 -14.56
C ALA A 174 -5.31 -6.13 -13.77
N THR A 175 -5.12 -4.80 -13.91
CA THR A 175 -5.92 -3.76 -13.28
C THR A 175 -7.36 -3.78 -13.82
N LYS A 176 -7.50 -3.99 -15.16
CA LYS A 176 -8.78 -4.07 -15.88
C LYS A 176 -9.58 -5.24 -15.33
N ASP A 177 -8.98 -6.43 -15.34
CA ASP A 177 -9.55 -7.68 -14.86
C ASP A 177 -9.97 -7.66 -13.40
N LEU A 178 -9.28 -6.91 -12.53
CA LEU A 178 -9.66 -6.85 -11.12
C LEU A 178 -10.84 -5.95 -10.93
N PHE A 179 -10.85 -4.81 -11.65
CA PHE A 179 -11.93 -3.84 -11.61
C PHE A 179 -13.23 -4.43 -12.16
N GLU A 180 -13.10 -5.24 -13.23
CA GLU A 180 -14.22 -5.94 -13.87
C GLU A 180 -14.75 -7.07 -12.97
N ALA A 181 -13.87 -7.75 -12.21
CA ALA A 181 -14.26 -8.83 -11.30
C ALA A 181 -15.04 -8.34 -10.06
N GLY A 182 -14.91 -7.05 -9.73
CA GLY A 182 -15.62 -6.46 -8.60
C GLY A 182 -14.79 -5.71 -7.57
N ALA A 183 -13.49 -5.46 -7.87
CA ALA A 183 -12.67 -4.70 -6.92
C ALA A 183 -12.99 -3.21 -7.01
N ASP A 184 -12.93 -2.52 -5.87
CA ASP A 184 -13.17 -1.09 -5.78
C ASP A 184 -11.86 -0.31 -5.94
N ILE A 185 -10.76 -0.91 -5.42
CA ILE A 185 -9.40 -0.36 -5.40
C ILE A 185 -8.44 -1.46 -5.81
N VAL A 186 -7.47 -1.14 -6.69
CA VAL A 186 -6.45 -2.10 -7.11
C VAL A 186 -5.09 -1.68 -6.52
N LYS A 187 -4.37 -2.63 -5.89
CA LYS A 187 -3.08 -2.39 -5.23
C LYS A 187 -1.96 -2.76 -6.19
N VAL A 188 -1.07 -1.78 -6.45
CA VAL A 188 0.01 -1.93 -7.45
C VAL A 188 1.37 -2.09 -6.83
N GLY A 189 2.05 -3.14 -7.27
CA GLY A 189 3.42 -3.43 -6.88
C GLY A 189 3.86 -4.87 -7.00
N ILE A 190 4.74 -5.19 -7.97
CA ILE A 190 5.33 -6.51 -8.16
C ILE A 190 6.87 -6.37 -8.16
N GLY A 191 7.49 -6.74 -7.04
CA GLY A 191 8.93 -6.65 -6.86
C GLY A 191 9.60 -5.38 -6.36
N PRO A 192 8.93 -4.24 -6.02
CA PRO A 192 9.71 -3.06 -5.60
C PRO A 192 10.05 -2.93 -4.12
N GLY A 193 9.40 -3.74 -3.26
CA GLY A 193 9.54 -3.68 -1.81
C GLY A 193 10.97 -3.71 -1.30
N SER A 194 11.28 -2.90 -0.27
CA SER A 194 12.63 -2.83 0.34
C SER A 194 13.21 -4.20 0.74
N ILE A 195 12.35 -5.08 1.28
CA ILE A 195 12.69 -6.44 1.75
C ILE A 195 12.41 -7.55 0.73
N CYS A 196 11.94 -7.17 -0.44
CA CYS A 196 11.59 -8.09 -1.52
C CYS A 196 12.84 -8.71 -2.18
N THR A 197 12.76 -10.01 -2.53
CA THR A 197 13.84 -10.70 -3.26
C THR A 197 13.25 -11.34 -4.52
N THR A 198 11.95 -11.08 -4.82
CA THR A 198 11.26 -11.60 -6.01
C THR A 198 12.05 -11.36 -7.31
N ARG A 199 12.67 -10.19 -7.45
CA ARG A 199 13.42 -9.86 -8.67
C ARG A 199 14.59 -10.79 -8.87
N VAL A 200 15.32 -11.05 -7.80
N VAL A 200 15.37 -11.07 -7.81
CA VAL A 200 16.51 -11.89 -7.82
CA VAL A 200 16.54 -11.95 -7.93
C VAL A 200 16.13 -13.39 -7.83
C VAL A 200 16.15 -13.43 -7.84
N VAL A 201 15.07 -13.77 -7.12
CA VAL A 201 14.60 -15.17 -7.01
C VAL A 201 13.79 -15.60 -8.27
N ALA A 202 12.76 -14.86 -8.60
CA ALA A 202 11.83 -15.19 -9.69
C ALA A 202 12.15 -14.51 -11.03
N GLY A 203 13.03 -13.50 -11.04
CA GLY A 203 13.39 -12.77 -12.27
C GLY A 203 12.31 -11.85 -12.79
N VAL A 204 11.32 -11.55 -11.93
CA VAL A 204 10.09 -10.82 -12.24
C VAL A 204 9.98 -9.52 -11.48
N GLY A 205 9.51 -8.51 -12.19
CA GLY A 205 9.22 -7.22 -11.60
C GLY A 205 8.93 -6.15 -12.63
N VAL A 206 8.27 -5.07 -12.20
CA VAL A 206 8.03 -3.92 -13.05
C VAL A 206 8.49 -2.73 -12.23
N PRO A 207 9.57 -2.00 -12.66
CA PRO A 207 9.98 -0.78 -11.94
C PRO A 207 8.74 0.03 -11.58
N GLN A 208 8.62 0.34 -10.30
CA GLN A 208 7.40 0.84 -9.64
C GLN A 208 6.78 2.10 -10.24
N ILE A 209 7.55 3.07 -10.75
CA ILE A 209 6.95 4.27 -11.31
C ILE A 209 6.12 3.92 -12.54
N THR A 210 6.68 3.04 -13.41
CA THR A 210 5.98 2.57 -14.62
C THR A 210 4.80 1.71 -14.24
N ALA A 211 4.97 0.81 -13.26
CA ALA A 211 3.87 -0.03 -12.79
C ALA A 211 2.65 0.82 -12.37
N ILE A 212 2.87 1.85 -11.52
CA ILE A 212 1.83 2.78 -11.03
C ILE A 212 1.17 3.48 -12.22
N TYR A 213 1.98 4.10 -13.11
CA TYR A 213 1.49 4.85 -14.27
C TYR A 213 0.65 4.00 -15.24
N ASP A 214 1.13 2.79 -15.57
CA ASP A 214 0.43 1.85 -16.48
C ASP A 214 -0.89 1.38 -15.86
N CYS A 215 -0.90 1.17 -14.52
CA CYS A 215 -2.10 0.71 -13.83
C CYS A 215 -3.13 1.83 -13.62
N ALA A 216 -2.67 3.05 -13.27
CA ALA A 216 -3.48 4.25 -13.11
C ALA A 216 -4.09 4.73 -14.44
N THR A 217 -3.38 4.50 -15.58
CA THR A 217 -3.87 4.83 -16.94
C THR A 217 -5.18 4.02 -17.17
N GLU A 218 -5.17 2.73 -16.79
CA GLU A 218 -6.33 1.84 -16.84
C GLU A 218 -7.42 2.27 -15.83
N ALA A 219 -7.04 2.52 -14.55
CA ALA A 219 -7.94 2.95 -13.46
C ALA A 219 -8.77 4.20 -13.77
N ARG A 220 -8.15 5.16 -14.50
CA ARG A 220 -8.78 6.41 -14.91
C ARG A 220 -10.02 6.16 -15.76
N LYS A 221 -10.02 5.08 -16.59
CA LYS A 221 -11.13 4.69 -17.46
C LYS A 221 -12.34 4.24 -16.62
N HIS A 222 -12.09 3.40 -15.60
CA HIS A 222 -13.09 2.85 -14.66
C HIS A 222 -13.55 3.84 -13.59
N GLY A 223 -12.85 4.97 -13.46
CA GLY A 223 -13.12 6.00 -12.45
C GLY A 223 -12.84 5.50 -11.04
N LYS A 224 -11.89 4.56 -10.92
CA LYS A 224 -11.54 3.92 -9.66
C LYS A 224 -10.12 4.26 -9.16
N ALA A 225 -9.83 3.90 -7.90
CA ALA A 225 -8.58 4.24 -7.21
C ALA A 225 -7.52 3.13 -7.21
N ILE A 226 -6.23 3.56 -7.13
N ILE A 226 -6.23 3.53 -7.16
CA ILE A 226 -5.02 2.73 -7.11
CA ILE A 226 -5.11 2.59 -7.05
C ILE A 226 -4.20 2.97 -5.84
C ILE A 226 -4.22 2.93 -5.85
N ILE A 227 -3.65 1.88 -5.23
CA ILE A 227 -2.75 2.00 -4.08
C ILE A 227 -1.32 1.73 -4.61
N ALA A 228 -0.39 2.70 -4.47
CA ALA A 228 1.02 2.52 -4.88
C ALA A 228 1.74 1.83 -3.70
N ASP A 229 1.94 0.52 -3.84
CA ASP A 229 2.51 -0.34 -2.81
C ASP A 229 3.97 -0.80 -2.98
N GLY A 230 4.87 -0.33 -2.11
CA GLY A 230 6.25 -0.79 -2.09
C GLY A 230 7.26 0.14 -2.72
N GLY A 231 8.50 0.05 -2.24
CA GLY A 231 9.64 0.79 -2.76
C GLY A 231 9.82 2.21 -2.28
N ILE A 232 8.89 2.71 -1.45
N ILE A 232 8.91 2.70 -1.42
CA ILE A 232 8.97 4.07 -0.93
CA ILE A 232 8.98 4.05 -0.86
C ILE A 232 10.04 4.14 0.18
C ILE A 232 10.08 4.12 0.20
N LYS A 233 11.11 4.93 -0.05
CA LYS A 233 12.23 5.08 0.89
C LYS A 233 12.16 6.37 1.68
N PHE A 234 11.57 7.44 1.10
CA PHE A 234 11.54 8.76 1.70
C PHE A 234 10.23 9.48 1.32
N SER A 235 9.97 10.66 1.91
CA SER A 235 8.78 11.47 1.58
C SER A 235 8.74 11.86 0.06
N GLY A 236 9.92 12.01 -0.57
CA GLY A 236 10.00 12.31 -1.99
C GLY A 236 9.40 11.20 -2.84
N ASP A 237 9.57 9.93 -2.41
CA ASP A 237 9.01 8.78 -3.12
C ASP A 237 7.50 8.71 -2.97
N ILE A 238 6.98 9.23 -1.86
CA ILE A 238 5.55 9.29 -1.63
C ILE A 238 4.90 10.19 -2.67
N ILE A 239 5.35 11.43 -2.79
CA ILE A 239 4.75 12.37 -3.74
C ILE A 239 4.96 11.88 -5.20
N LYS A 240 6.13 11.27 -5.53
CA LYS A 240 6.39 10.73 -6.87
C LYS A 240 5.38 9.62 -7.16
N ALA A 241 5.12 8.73 -6.18
CA ALA A 241 4.16 7.63 -6.35
C ALA A 241 2.72 8.13 -6.61
N LEU A 242 2.34 9.23 -5.94
CA LEU A 242 1.01 9.80 -6.10
C LEU A 242 0.94 10.52 -7.43
N ALA A 243 1.95 11.34 -7.73
CA ALA A 243 2.01 12.08 -9.00
C ALA A 243 2.06 11.18 -10.24
N ALA A 244 2.52 9.91 -10.09
CA ALA A 244 2.55 8.92 -11.17
C ALA A 244 1.18 8.28 -11.39
N GLY A 245 0.24 8.55 -10.48
CA GLY A 245 -1.12 8.03 -10.61
C GLY A 245 -1.75 7.37 -9.40
N GLY A 246 -0.96 7.11 -8.36
CA GLY A 246 -1.45 6.48 -7.13
C GLY A 246 -2.37 7.38 -6.33
N HIS A 247 -3.50 6.83 -5.80
CA HIS A 247 -4.41 7.63 -4.97
C HIS A 247 -3.89 7.72 -3.53
N ALA A 248 -3.29 6.64 -3.08
CA ALA A 248 -2.67 6.54 -1.77
C ALA A 248 -1.48 5.58 -1.88
N VAL A 249 -0.57 5.66 -0.92
CA VAL A 249 0.61 4.81 -0.87
C VAL A 249 0.49 3.87 0.29
N MET A 250 1.18 2.72 0.18
CA MET A 250 1.33 1.70 1.21
C MET A 250 2.80 1.59 1.63
N LEU A 251 3.06 1.70 2.94
CA LEU A 251 4.38 1.68 3.51
C LEU A 251 4.61 0.49 4.42
N GLY A 252 5.77 -0.12 4.25
CA GLY A 252 6.28 -1.21 5.08
C GLY A 252 7.46 -0.70 5.89
N SER A 253 8.66 -0.66 5.26
N SER A 253 8.67 -0.66 5.26
CA SER A 253 9.95 -0.23 5.80
CA SER A 253 9.96 -0.24 5.83
C SER A 253 9.92 1.04 6.64
C SER A 253 9.95 1.05 6.63
N LEU A 254 9.31 2.12 6.11
CA LEU A 254 9.26 3.42 6.79
C LEU A 254 8.50 3.44 8.12
N LEU A 255 7.60 2.47 8.33
CA LEU A 255 6.76 2.38 9.52
C LEU A 255 7.13 1.27 10.50
N ALA A 256 7.90 0.27 10.06
CA ALA A 256 8.32 -0.89 10.84
C ALA A 256 9.15 -0.58 12.09
N GLY A 257 9.91 0.52 12.05
CA GLY A 257 10.78 0.94 13.13
C GLY A 257 10.09 1.70 14.26
N THR A 258 8.82 2.09 14.03
CA THR A 258 8.05 2.86 15.02
C THR A 258 7.59 1.99 16.18
N GLU A 259 7.30 2.63 17.33
CA GLU A 259 6.85 1.97 18.57
C GLU A 259 5.54 1.18 18.36
N GLU A 260 4.60 1.76 17.59
CA GLU A 260 3.28 1.20 17.27
C GLU A 260 3.33 -0.09 16.42
N SER A 261 4.45 -0.40 15.76
CA SER A 261 4.57 -1.65 14.99
C SER A 261 4.56 -2.85 15.97
N PRO A 262 3.96 -4.02 15.63
CA PRO A 262 3.85 -5.13 16.60
C PRO A 262 5.14 -5.73 17.16
N GLY A 263 6.28 -5.43 16.55
CA GLY A 263 7.57 -5.96 16.99
C GLY A 263 8.03 -5.45 18.35
N ALA A 264 8.98 -6.18 18.97
CA ALA A 264 9.55 -5.81 20.25
C ALA A 264 10.85 -5.02 20.05
N THR A 265 11.03 -3.94 20.82
CA THR A 265 12.23 -3.10 20.74
C THR A 265 13.41 -3.85 21.32
N GLU A 266 14.47 -4.01 20.52
CA GLU A 266 15.66 -4.73 20.90
C GLU A 266 16.90 -3.84 20.88
N ILE A 267 17.95 -4.25 21.60
CA ILE A 267 19.22 -3.54 21.70
C ILE A 267 20.37 -4.41 21.19
N PHE A 268 21.23 -3.83 20.33
CA PHE A 268 22.37 -4.52 19.76
C PHE A 268 23.53 -3.55 19.59
N GLN A 269 24.55 -3.71 20.47
CA GLN A 269 25.76 -2.89 20.53
C GLN A 269 25.41 -1.40 20.75
N GLY A 270 24.61 -1.17 21.80
CA GLY A 270 24.15 0.15 22.21
C GLY A 270 22.92 0.67 21.48
N ARG A 271 22.89 0.45 20.14
CA ARG A 271 21.83 0.93 19.24
C ARG A 271 20.52 0.15 19.34
N GLN A 272 19.39 0.88 19.39
CA GLN A 272 18.02 0.34 19.44
C GLN A 272 17.51 -0.02 18.04
N TYR A 273 17.03 -1.26 17.87
N TYR A 273 17.01 -1.26 17.87
CA TYR A 273 16.51 -1.79 16.60
CA TYR A 273 16.48 -1.75 16.61
C TYR A 273 15.15 -2.49 16.75
C TYR A 273 15.11 -2.44 16.76
N LYS A 274 14.45 -2.69 15.62
CA LYS A 274 13.17 -3.40 15.50
C LYS A 274 13.32 -4.37 14.31
N VAL A 275 12.67 -5.53 14.39
CA VAL A 275 12.72 -6.56 13.34
C VAL A 275 11.73 -6.23 12.21
N TYR A 276 12.21 -6.24 10.96
CA TYR A 276 11.36 -6.02 9.80
C TYR A 276 11.63 -7.14 8.82
N ARG A 277 10.57 -7.78 8.34
CA ARG A 277 10.71 -8.90 7.43
C ARG A 277 9.65 -8.98 6.35
N GLY A 278 10.01 -9.62 5.25
CA GLY A 278 9.10 -9.88 4.15
C GLY A 278 8.08 -10.92 4.54
N MET A 279 6.86 -10.81 4.01
CA MET A 279 5.79 -11.76 4.28
C MET A 279 6.04 -13.07 3.52
N GLY A 280 7.10 -13.07 2.72
CA GLY A 280 7.60 -14.20 1.94
C GLY A 280 8.96 -14.64 2.43
N SER A 281 9.38 -14.18 3.63
CA SER A 281 10.64 -14.63 4.24
C SER A 281 10.35 -15.95 4.95
N LEU A 282 11.40 -16.75 5.22
CA LEU A 282 11.38 -18.03 5.91
C LEU A 282 10.50 -18.00 7.18
N GLY A 283 10.84 -17.09 8.11
CA GLY A 283 10.12 -16.90 9.37
C GLY A 283 8.65 -16.57 9.25
N ALA A 284 8.30 -15.69 8.28
CA ALA A 284 6.91 -15.26 8.06
C ALA A 284 6.06 -16.34 7.41
N MET A 285 6.67 -17.21 6.59
CA MET A 285 5.96 -18.31 5.93
C MET A 285 5.53 -19.37 6.96
N GLU A 286 6.29 -19.49 8.07
CA GLU A 286 6.01 -20.39 9.18
C GLU A 286 4.80 -19.88 9.97
N LYS A 302 6.56 -26.73 -0.90
CA LYS A 302 6.52 -25.42 -0.27
C LYS A 302 7.24 -24.35 -1.10
N PHE A 303 6.79 -23.08 -0.97
CA PHE A 303 7.36 -21.92 -1.68
C PHE A 303 8.78 -21.59 -1.22
N VAL A 304 9.66 -21.29 -2.19
CA VAL A 304 11.04 -20.86 -1.96
C VAL A 304 10.96 -19.39 -1.43
N PRO A 305 11.81 -18.92 -0.48
CA PRO A 305 11.62 -17.55 0.04
C PRO A 305 11.80 -16.42 -0.99
N GLU A 306 10.93 -15.40 -0.90
CA GLU A 306 10.94 -14.22 -1.76
C GLU A 306 11.08 -12.93 -0.97
N GLY A 307 11.43 -13.06 0.31
CA GLY A 307 11.61 -11.95 1.22
C GLY A 307 12.72 -12.18 2.22
N ILE A 308 13.24 -11.10 2.79
CA ILE A 308 14.32 -11.18 3.78
C ILE A 308 13.86 -10.72 5.15
N GLU A 309 14.62 -11.12 6.19
CA GLU A 309 14.38 -10.74 7.57
C GLU A 309 15.64 -10.01 8.03
N GLY A 310 15.44 -8.85 8.61
CA GLY A 310 16.54 -8.01 9.07
C GLY A 310 16.20 -7.07 10.20
N ARG A 311 17.09 -6.12 10.43
CA ARG A 311 16.99 -5.15 11.51
C ARG A 311 16.86 -3.75 10.94
N THR A 312 16.00 -2.94 11.57
CA THR A 312 15.75 -1.55 11.22
C THR A 312 15.76 -0.70 12.49
N ALA A 313 16.40 0.47 12.43
CA ALA A 313 16.54 1.38 13.57
C ALA A 313 15.20 1.78 14.17
N TYR A 314 15.14 1.85 15.51
CA TYR A 314 13.96 2.28 16.25
C TYR A 314 13.69 3.76 15.91
N LYS A 315 12.49 4.06 15.43
CA LYS A 315 12.09 5.39 14.94
C LYS A 315 11.41 6.27 15.97
N GLY A 316 10.73 5.64 16.91
CA GLY A 316 9.98 6.32 17.96
C GLY A 316 8.50 6.30 17.67
N ALA A 317 7.79 7.40 17.97
CA ALA A 317 6.36 7.50 17.74
C ALA A 317 6.04 7.63 16.24
N LEU A 318 5.03 6.84 15.78
CA LEU A 318 4.48 6.82 14.42
C LEU A 318 4.10 8.25 13.99
N GLN A 319 3.37 8.96 14.87
CA GLN A 319 2.88 10.33 14.72
C GLN A 319 3.98 11.28 14.23
N ASP A 320 5.21 11.12 14.74
CA ASP A 320 6.36 11.95 14.37
C ASP A 320 6.91 11.55 12.98
N THR A 321 6.89 10.23 12.68
CA THR A 321 7.35 9.69 11.40
C THR A 321 6.43 10.23 10.30
N ILE A 322 5.11 10.14 10.53
CA ILE A 322 4.06 10.62 9.63
C ILE A 322 4.16 12.11 9.41
N TYR A 323 4.37 12.90 10.49
CA TYR A 323 4.47 14.35 10.38
C TYR A 323 5.62 14.76 9.47
N GLN A 324 6.80 14.11 9.60
CA GLN A 324 7.95 14.42 8.76
C GLN A 324 7.65 14.10 7.30
N LEU A 325 7.09 12.90 7.05
CA LEU A 325 6.72 12.40 5.73
C LEU A 325 5.72 13.30 5.04
N MET A 326 4.66 13.73 5.75
CA MET A 326 3.64 14.59 5.15
C MET A 326 4.15 16.00 4.94
N GLY A 327 5.12 16.41 5.74
CA GLY A 327 5.77 17.70 5.59
C GLY A 327 6.48 17.82 4.25
N GLY A 328 7.15 16.74 3.85
CA GLY A 328 7.87 16.64 2.58
C GLY A 328 6.92 16.57 1.41
N VAL A 329 5.83 15.84 1.58
CA VAL A 329 4.79 15.75 0.57
C VAL A 329 4.16 17.13 0.34
N ARG A 330 3.93 17.91 1.41
CA ARG A 330 3.40 19.27 1.37
C ARG A 330 4.34 20.21 0.70
N ALA A 331 5.66 20.08 0.97
CA ALA A 331 6.70 20.90 0.33
C ALA A 331 6.62 20.69 -1.20
N GLY A 332 6.56 19.43 -1.62
CA GLY A 332 6.49 19.05 -3.03
C GLY A 332 5.21 19.54 -3.71
N MET A 333 4.09 19.55 -2.97
N MET A 333 4.09 19.53 -2.97
CA MET A 333 2.84 20.02 -3.57
CA MET A 333 2.78 20.00 -3.45
C MET A 333 2.83 21.51 -3.77
C MET A 333 2.83 21.49 -3.75
N GLY A 334 3.58 22.23 -2.93
CA GLY A 334 3.78 23.67 -3.06
C GLY A 334 4.69 24.00 -4.23
N TYR A 335 5.76 23.20 -4.42
CA TYR A 335 6.67 23.34 -5.56
C TYR A 335 5.96 23.14 -6.90
N THR A 336 5.00 22.24 -6.95
CA THR A 336 4.31 21.90 -8.19
C THR A 336 3.00 22.64 -8.39
N GLY A 337 2.61 23.45 -7.39
CA GLY A 337 1.35 24.19 -7.44
C GLY A 337 0.13 23.29 -7.42
N SER A 338 0.24 22.16 -6.71
CA SER A 338 -0.80 21.16 -6.54
C SER A 338 -1.58 21.51 -5.26
N HIS A 339 -2.74 22.18 -5.42
CA HIS A 339 -3.60 22.59 -4.29
C HIS A 339 -4.19 21.35 -3.58
N ASP A 340 -4.35 20.26 -4.34
CA ASP A 340 -4.88 18.99 -3.87
C ASP A 340 -4.26 17.81 -4.63
N LEU A 341 -4.56 16.57 -4.18
CA LEU A 341 -4.04 15.34 -4.78
C LEU A 341 -4.54 15.06 -6.20
N ARG A 342 -5.77 15.50 -6.52
CA ARG A 342 -6.37 15.40 -7.85
C ARG A 342 -5.51 16.22 -8.83
N GLU A 343 -5.09 17.44 -8.44
N GLU A 343 -5.08 17.43 -8.43
CA GLU A 343 -4.23 18.29 -9.28
CA GLU A 343 -4.22 18.30 -9.23
C GLU A 343 -2.82 17.69 -9.44
C GLU A 343 -2.83 17.68 -9.43
N LEU A 344 -2.33 16.94 -8.42
CA LEU A 344 -1.02 16.27 -8.45
C LEU A 344 -1.06 15.09 -9.47
N ARG A 345 -1.95 14.12 -9.25
CA ARG A 345 -2.17 12.94 -10.08
C ARG A 345 -2.44 13.26 -11.54
N GLU A 346 -3.18 14.33 -11.83
CA GLU A 346 -3.61 14.67 -13.19
C GLU A 346 -2.70 15.61 -13.91
N GLU A 347 -2.08 16.56 -13.21
CA GLU A 347 -1.30 17.56 -13.91
C GLU A 347 0.20 17.56 -13.68
N ALA A 348 0.69 17.06 -12.51
CA ALA A 348 2.12 17.16 -12.21
C ALA A 348 2.99 16.45 -13.24
N GLN A 349 4.04 17.11 -13.68
CA GLN A 349 4.96 16.60 -14.73
C GLN A 349 6.28 16.24 -14.09
N PHE A 350 6.90 15.18 -14.63
CA PHE A 350 8.20 14.66 -14.20
C PHE A 350 9.25 14.87 -15.27
N THR A 351 10.51 14.82 -14.87
CA THR A 351 11.63 14.74 -15.81
C THR A 351 12.37 13.45 -15.50
N ARG A 352 12.82 12.79 -16.54
CA ARG A 352 13.65 11.60 -16.41
C ARG A 352 15.05 12.17 -16.29
N MET A 353 15.99 11.35 -15.78
N MET A 353 15.98 11.38 -15.71
CA MET A 353 17.40 11.70 -15.59
CA MET A 353 17.40 11.74 -15.52
C MET A 353 18.24 10.44 -15.40
C MET A 353 18.26 10.49 -15.26
N GLY A 354 19.56 10.56 -15.56
CA GLY A 354 20.48 9.44 -15.39
C GLY A 354 20.94 9.22 -13.95
N PRO A 355 21.86 8.23 -13.74
CA PRO A 355 22.39 8.01 -12.39
C PRO A 355 23.35 9.13 -11.98
#